data_2ASU
#
_entry.id   2ASU
#
_cell.length_a   75.676
_cell.length_b   75.848
_cell.length_c   47.973
_cell.angle_alpha   90.00
_cell.angle_beta   90.00
_cell.angle_gamma   90.00
#
_symmetry.space_group_name_H-M   'P 21 21 21'
#
loop_
_entity.id
_entity.type
_entity.pdbx_description
1 polymer 'Hepatocyte growth factor-like protein'
2 polymer 'Hepatocyte growth factor-like protein'
3 water water
#
loop_
_entity_poly.entity_id
_entity_poly.type
_entity_poly.pdbx_seq_one_letter_code
_entity_poly.pdbx_strand_id
1 'polypeptide(L)' FEKCGKRVDRLDQRRSKLR A
2 'polypeptide(L)'
;VVGGHPGNSPWTVSLRNRQGQHFCGGSLVKEQWILTARQCFSSCHMPLTGYEVWLGTLFQNPQHGEPSLQRVPVAKMVCG
PSGSQLVLLKLERSVTLNQRVALICLPPEWYVVPPGTKCEIAGWGETKGTGNDTVLNVALLNVISNQECNIKHRGRVRES
EMCTEGLLAPVGACEGDYGGPLACFTHNSWVLEGIIIPNRVCARSRWPAVFTRVSVFVDWIHKVMRLGHHHHHH
;
B
#
# COMPACT_ATOMS: atom_id res chain seq x y z
N CYS A 4 -13.59 11.05 -1.45
CA CYS A 4 -12.49 10.08 -1.02
C CYS A 4 -12.60 9.65 0.43
N GLY A 5 -12.09 8.47 0.73
CA GLY A 5 -11.80 8.08 2.10
C GLY A 5 -13.03 7.71 2.88
N LYS A 6 -14.05 7.21 2.19
CA LYS A 6 -15.21 6.64 2.86
C LYS A 6 -15.28 5.15 2.52
N ARG A 7 -15.59 4.36 3.54
CA ARG A 7 -15.76 2.91 3.36
C ARG A 7 -17.16 2.52 3.83
N VAL B 1 0.08 -10.63 4.03
CA VAL B 1 0.06 -9.99 5.38
C VAL B 1 0.11 -11.15 6.37
N VAL B 2 1.03 -11.03 7.31
CA VAL B 2 1.21 -12.04 8.34
C VAL B 2 0.42 -11.62 9.56
N GLY B 3 -0.27 -12.56 10.18
CA GLY B 3 -0.94 -12.32 11.46
C GLY B 3 -2.28 -11.58 11.34
N GLY B 4 -2.80 -11.44 10.11
CA GLY B 4 -4.00 -10.67 9.90
C GLY B 4 -5.19 -11.60 9.71
N HIS B 5 -6.21 -11.07 9.04
CA HIS B 5 -7.42 -11.81 8.77
C HIS B 5 -8.04 -11.31 7.47
N PRO B 6 -8.85 -12.16 6.83
CA PRO B 6 -9.57 -11.75 5.60
C PRO B 6 -10.39 -10.47 5.85
N GLY B 7 -10.25 -9.50 4.97
CA GLY B 7 -10.98 -8.25 5.09
C GLY B 7 -11.16 -7.54 3.75
N ASN B 8 -11.85 -6.44 3.77
CA ASN B 8 -11.96 -5.64 2.56
C ASN B 8 -11.24 -4.30 2.77
N SER B 9 -10.72 -3.78 1.67
CA SER B 9 -9.99 -2.53 1.64
C SER B 9 -10.21 -2.03 0.22
N PRO B 10 -11.16 -1.15 0.01
CA PRO B 10 -11.60 -0.83 -1.38
C PRO B 10 -10.65 0.06 -2.18
N TRP B 11 -9.65 0.62 -1.52
CA TRP B 11 -8.57 1.37 -2.15
C TRP B 11 -7.30 0.53 -2.43
N THR B 12 -7.25 -0.72 -2.01
CA THR B 12 -6.13 -1.58 -2.28
C THR B 12 -6.32 -2.30 -3.62
N VAL B 13 -5.29 -2.31 -4.44
CA VAL B 13 -5.32 -2.93 -5.79
C VAL B 13 -4.19 -3.92 -5.95
N SER B 14 -4.34 -4.83 -6.90
CA SER B 14 -3.35 -5.83 -7.16
C SER B 14 -2.66 -5.51 -8.49
N LEU B 15 -1.34 -5.46 -8.46
CA LEU B 15 -0.51 -5.26 -9.65
C LEU B 15 -0.23 -6.63 -10.29
N ARG B 16 -0.47 -6.74 -11.59
CA ARG B 16 -0.38 -8.01 -12.31
C ARG B 16 0.66 -7.94 -13.43
N ASN B 17 1.48 -8.98 -13.53
CA ASN B 17 2.59 -9.05 -14.49
C ASN B 17 2.07 -9.58 -15.82
N ARG B 18 2.98 -9.99 -16.70
CA ARG B 18 2.59 -10.46 -18.02
C ARG B 18 1.84 -11.78 -17.94
N GLN B 19 2.26 -12.63 -17.02
CA GLN B 19 1.61 -13.92 -16.79
C GLN B 19 0.30 -13.84 -15.97
N GLY B 20 -0.30 -12.64 -15.86
CA GLY B 20 -1.53 -12.40 -15.10
C GLY B 20 -1.42 -12.58 -13.59
N GLN B 21 -0.21 -12.67 -13.07
CA GLN B 21 0.04 -12.97 -11.67
C GLN B 21 0.19 -11.70 -10.84
N HIS B 22 -0.38 -11.75 -9.64
CA HIS B 22 -0.12 -10.78 -8.57
C HIS B 22 1.35 -10.73 -8.21
N PHE B 23 1.94 -9.53 -8.21
CA PHE B 23 3.30 -9.35 -7.69
C PHE B 23 3.50 -8.22 -6.63
N CYS B 24 2.52 -7.34 -6.48
CA CYS B 24 2.63 -6.21 -5.57
C CYS B 24 1.27 -5.60 -5.39
N GLY B 25 1.19 -4.77 -4.37
CA GLY B 25 0.00 -4.05 -4.09
C GLY B 25 0.09 -2.64 -4.62
N GLY B 26 -0.99 -1.92 -4.48
CA GLY B 26 -1.06 -0.53 -4.82
C GLY B 26 -2.24 0.12 -4.15
N SER B 27 -2.26 1.44 -4.23
CA SER B 27 -3.26 2.26 -3.57
C SER B 27 -3.99 3.18 -4.57
N LEU B 28 -5.31 3.10 -4.61
CA LEU B 28 -6.12 3.91 -5.52
C LEU B 28 -6.32 5.33 -4.98
N VAL B 29 -5.63 6.30 -5.57
CA VAL B 29 -5.64 7.72 -5.17
C VAL B 29 -6.44 8.65 -6.12
N LYS B 30 -6.60 8.22 -7.36
CA LYS B 30 -7.38 8.94 -8.34
C LYS B 30 -7.96 7.90 -9.27
N GLU B 31 -8.98 8.27 -10.03
CA GLU B 31 -9.66 7.23 -10.80
C GLU B 31 -8.73 6.53 -11.75
N GLN B 32 -7.70 7.23 -12.26
CA GLN B 32 -6.73 6.52 -13.13
C GLN B 32 -5.29 6.53 -12.61
N TRP B 33 -5.12 6.67 -11.29
CA TRP B 33 -3.80 6.74 -10.72
C TRP B 33 -3.68 5.85 -9.48
N ILE B 34 -2.62 5.05 -9.47
CA ILE B 34 -2.29 4.13 -8.38
C ILE B 34 -0.94 4.54 -7.80
N LEU B 35 -0.86 4.63 -6.47
CA LEU B 35 0.40 4.93 -5.81
C LEU B 35 0.89 3.59 -5.28
N THR B 36 2.16 3.29 -5.51
CA THR B 36 2.82 2.02 -5.16
C THR B 36 4.30 2.24 -4.83
N ALA B 37 5.03 1.15 -4.60
CA ALA B 37 6.42 1.17 -4.13
C ALA B 37 7.37 1.00 -5.30
N ARG B 38 8.47 1.70 -5.21
CA ARG B 38 9.52 1.69 -6.20
C ARG B 38 10.18 0.33 -6.29
N GLN B 39 10.26 -0.41 -5.18
CA GLN B 39 10.91 -1.71 -5.18
C GLN B 39 10.10 -2.80 -5.93
N CYS B 40 8.87 -2.51 -6.32
CA CYS B 40 8.08 -3.40 -7.18
C CYS B 40 8.53 -3.44 -8.67
N PHE B 41 9.49 -2.60 -9.05
CA PHE B 41 9.87 -2.38 -10.45
C PHE B 41 11.37 -2.52 -10.61
N SER B 42 11.80 -3.04 -11.75
CA SER B 42 13.23 -3.30 -11.98
C SER B 42 13.97 -2.03 -12.37
N SER B 43 13.25 -1.06 -12.92
CA SER B 43 13.81 0.25 -13.29
C SER B 43 12.67 1.23 -13.45
N CYS B 44 13.00 2.50 -13.67
CA CYS B 44 12.01 3.54 -13.88
C CYS B 44 11.52 3.58 -15.33
N HIS B 45 12.14 2.77 -16.17
CA HIS B 45 11.77 2.68 -17.57
C HIS B 45 11.51 1.22 -17.92
N MET B 46 10.90 0.51 -16.96
CA MET B 46 10.65 -0.92 -17.08
C MET B 46 9.65 -1.18 -18.26
N PRO B 47 9.92 -2.20 -19.07
CA PRO B 47 8.95 -2.58 -20.11
C PRO B 47 7.68 -3.13 -19.46
N LEU B 48 6.59 -2.36 -19.53
CA LEU B 48 5.36 -2.71 -18.81
C LEU B 48 4.28 -3.24 -19.74
N THR B 49 4.70 -3.70 -20.93
CA THR B 49 3.82 -4.44 -21.81
C THR B 49 3.18 -5.60 -21.09
N GLY B 50 1.90 -5.73 -21.22
CA GLY B 50 1.18 -6.83 -20.58
C GLY B 50 0.82 -6.64 -19.10
N TYR B 51 1.11 -5.46 -18.53
CA TYR B 51 0.87 -5.27 -17.07
C TYR B 51 -0.51 -4.67 -16.83
N GLU B 52 -1.21 -5.16 -15.80
CA GLU B 52 -2.48 -4.58 -15.47
C GLU B 52 -2.62 -4.35 -13.96
N VAL B 53 -3.65 -3.62 -13.60
CA VAL B 53 -4.08 -3.41 -12.20
C VAL B 53 -5.47 -3.99 -12.09
N TRP B 54 -5.68 -4.90 -11.13
CA TRP B 54 -6.98 -5.49 -10.89
C TRP B 54 -7.53 -5.01 -9.55
N LEU B 55 -8.84 -4.72 -9.52
CA LEU B 55 -9.55 -4.07 -8.45
C LEU B 55 -10.90 -4.75 -8.24
N GLY B 56 -11.45 -4.61 -7.01
CA GLY B 56 -12.86 -4.93 -6.76
C GLY B 56 -13.20 -6.36 -6.35
N THR B 57 -12.18 -7.19 -6.18
CA THR B 57 -12.34 -8.55 -5.69
C THR B 57 -11.45 -8.85 -4.46
N LEU B 58 -11.97 -9.66 -3.52
CA LEU B 58 -11.19 -10.10 -2.37
C LEU B 58 -10.22 -11.18 -2.74
N PHE B 59 -10.45 -11.84 -3.88
CA PHE B 59 -9.61 -12.98 -4.23
C PHE B 59 -8.37 -12.58 -4.96
N GLN B 60 -7.28 -13.30 -4.73
CA GLN B 60 -6.10 -13.05 -5.48
C GLN B 60 -6.27 -13.53 -6.91
N ASN B 61 -6.97 -14.66 -7.09
CA ASN B 61 -7.19 -15.22 -8.41
C ASN B 61 -8.69 -15.42 -8.67
N PRO B 62 -9.38 -14.35 -9.02
CA PRO B 62 -10.82 -14.40 -9.19
C PRO B 62 -11.21 -15.08 -10.53
N GLN B 63 -12.40 -15.65 -10.60
CA GLN B 63 -12.96 -16.15 -11.86
C GLN B 63 -13.16 -14.92 -12.76
N HIS B 64 -12.78 -15.04 -14.03
CA HIS B 64 -12.64 -13.85 -14.88
C HIS B 64 -14.00 -13.16 -15.18
N GLY B 65 -15.10 -13.91 -15.02
CA GLY B 65 -16.43 -13.35 -15.13
C GLY B 65 -16.95 -12.64 -13.90
N GLU B 66 -16.11 -12.50 -12.88
CA GLU B 66 -16.50 -11.95 -11.59
C GLU B 66 -17.07 -10.54 -11.73
N PRO B 67 -18.34 -10.34 -11.40
CA PRO B 67 -19.01 -9.04 -11.60
C PRO B 67 -18.29 -7.78 -11.10
N SER B 68 -17.66 -7.84 -9.93
CA SER B 68 -17.12 -6.62 -9.31
C SER B 68 -15.68 -6.36 -9.74
N LEU B 69 -15.03 -7.38 -10.33
CA LEU B 69 -13.69 -7.26 -10.86
C LEU B 69 -13.59 -6.22 -11.97
N GLN B 70 -12.67 -5.26 -11.79
CA GLN B 70 -12.22 -4.37 -12.86
C GLN B 70 -10.78 -4.72 -13.20
N ARG B 71 -10.49 -4.83 -14.48
CA ARG B 71 -9.12 -5.04 -14.91
C ARG B 71 -8.73 -3.93 -15.87
N VAL B 72 -7.62 -3.25 -15.56
CA VAL B 72 -7.22 -2.09 -16.33
C VAL B 72 -5.73 -2.17 -16.70
N PRO B 73 -5.41 -2.05 -17.99
CA PRO B 73 -4.00 -1.96 -18.37
C PRO B 73 -3.28 -0.74 -17.81
N VAL B 74 -1.99 -0.93 -17.50
CA VAL B 74 -1.12 0.15 -17.07
C VAL B 74 -0.68 0.93 -18.30
N ALA B 75 -0.86 2.22 -18.24
CA ALA B 75 -0.40 3.16 -19.30
C ALA B 75 1.08 3.51 -19.12
N LYS B 76 1.49 3.88 -17.91
CA LYS B 76 2.86 4.23 -17.69
C LYS B 76 3.20 4.31 -16.21
N MET B 77 4.50 4.29 -15.92
CA MET B 77 5.02 4.48 -14.59
C MET B 77 5.75 5.83 -14.47
N VAL B 78 5.66 6.44 -13.31
CA VAL B 78 6.37 7.65 -13.01
C VAL B 78 7.07 7.48 -11.69
N CYS B 79 8.40 7.42 -11.70
CA CYS B 79 9.16 7.27 -10.45
C CYS B 79 9.14 8.54 -9.62
N GLY B 80 9.04 8.37 -8.31
CA GLY B 80 9.02 9.47 -7.39
C GLY B 80 10.39 10.02 -7.13
N PRO B 81 10.46 11.11 -6.39
CA PRO B 81 11.76 11.70 -6.05
C PRO B 81 12.71 10.72 -5.37
N SER B 82 14.00 10.96 -5.55
CA SER B 82 15.01 10.20 -4.83
C SER B 82 14.71 10.10 -3.31
N GLY B 83 14.79 8.87 -2.80
CA GLY B 83 14.52 8.61 -1.41
C GLY B 83 13.03 8.46 -1.10
N SER B 84 12.12 8.67 -2.05
CA SER B 84 10.66 8.54 -1.79
C SER B 84 10.20 7.08 -1.67
N GLN B 85 10.89 6.19 -2.37
CA GLN B 85 10.48 4.79 -2.51
C GLN B 85 9.10 4.64 -3.14
N LEU B 86 8.67 5.65 -3.91
CA LEU B 86 7.35 5.73 -4.56
C LEU B 86 7.41 5.67 -6.09
N VAL B 87 6.34 5.09 -6.64
CA VAL B 87 6.00 5.08 -8.08
C VAL B 87 4.52 5.38 -8.20
N LEU B 88 4.17 6.27 -9.15
CA LEU B 88 2.81 6.42 -9.59
C LEU B 88 2.58 5.67 -10.90
N LEU B 89 1.49 4.91 -10.96
CA LEU B 89 1.06 4.25 -12.21
C LEU B 89 -0.17 4.93 -12.71
N LYS B 90 -0.13 5.33 -13.99
CA LYS B 90 -1.31 5.79 -14.67
C LYS B 90 -1.97 4.61 -15.41
N LEU B 91 -3.28 4.53 -15.36
CA LEU B 91 -4.04 3.43 -15.90
C LEU B 91 -4.52 3.93 -17.29
N GLU B 92 -4.72 2.98 -18.19
CA GLU B 92 -5.11 3.28 -19.57
C GLU B 92 -6.53 3.79 -19.59
N ARG B 93 -7.26 3.50 -18.53
CA ARG B 93 -8.63 3.95 -18.36
C ARG B 93 -8.94 4.28 -16.90
N SER B 94 -9.89 5.19 -16.66
CA SER B 94 -10.40 5.53 -15.33
C SER B 94 -11.31 4.45 -14.78
N VAL B 95 -11.01 3.96 -13.58
CA VAL B 95 -11.81 2.93 -12.93
C VAL B 95 -13.19 3.51 -12.57
N THR B 96 -14.15 2.64 -12.29
CA THR B 96 -15.48 3.07 -11.86
C THR B 96 -15.64 2.88 -10.34
N LEU B 97 -16.02 3.94 -9.65
CA LEU B 97 -16.09 3.89 -8.19
C LEU B 97 -17.44 3.36 -7.76
N ASN B 98 -17.40 2.44 -6.80
CA ASN B 98 -18.62 1.91 -6.20
C ASN B 98 -18.33 1.50 -4.73
N GLN B 99 -19.11 0.57 -4.16
CA GLN B 99 -18.94 0.15 -2.77
C GLN B 99 -17.70 -0.75 -2.58
N ARG B 100 -17.17 -1.27 -3.68
CA ARG B 100 -16.01 -2.18 -3.64
C ARG B 100 -14.70 -1.52 -4.11
N VAL B 101 -14.81 -0.34 -4.69
CA VAL B 101 -13.68 0.34 -5.28
C VAL B 101 -13.83 1.79 -4.93
N ALA B 102 -12.94 2.29 -4.07
CA ALA B 102 -13.07 3.63 -3.54
C ALA B 102 -11.69 4.29 -3.50
N LEU B 103 -11.67 5.61 -3.69
CA LEU B 103 -10.46 6.39 -3.58
C LEU B 103 -10.13 6.54 -2.09
N ILE B 104 -8.85 6.51 -1.75
CA ILE B 104 -8.41 6.89 -0.42
C ILE B 104 -7.89 8.32 -0.50
N CYS B 105 -8.13 9.10 0.55
CA CYS B 105 -7.68 10.50 0.59
C CYS B 105 -6.17 10.64 0.73
N LEU B 106 -5.60 11.69 0.16
CA LEU B 106 -4.19 12.04 0.37
C LEU B 106 -4.07 12.98 1.55
N PRO B 107 -3.01 12.84 2.33
CA PRO B 107 -2.80 13.69 3.47
C PRO B 107 -2.34 15.10 3.03
N PRO B 108 -2.45 16.08 3.91
CA PRO B 108 -1.87 17.41 3.69
C PRO B 108 -0.35 17.35 3.74
N GLU B 109 0.28 18.20 2.95
CA GLU B 109 1.71 18.22 2.85
C GLU B 109 2.35 18.41 4.22
N TRP B 110 3.38 17.61 4.50
CA TRP B 110 4.14 17.63 5.76
C TRP B 110 3.38 17.14 7.04
N TYR B 111 2.16 16.67 6.90
CA TYR B 111 1.36 16.22 8.04
C TYR B 111 2.03 15.03 8.74
N VAL B 112 2.06 15.06 10.08
CA VAL B 112 2.60 13.96 10.88
C VAL B 112 1.42 13.26 11.61
N VAL B 113 1.21 12.01 11.25
CA VAL B 113 0.24 11.18 11.97
C VAL B 113 0.64 11.03 13.39
N PRO B 114 -0.24 11.41 14.31
CA PRO B 114 0.13 11.38 15.73
C PRO B 114 0.32 9.94 16.25
N PRO B 115 1.24 9.74 17.20
CA PRO B 115 1.34 8.47 17.89
C PRO B 115 0.00 8.03 18.48
N GLY B 116 -0.27 6.74 18.39
CA GLY B 116 -1.55 6.19 18.90
C GLY B 116 -2.67 6.12 17.89
N THR B 117 -2.47 6.72 16.72
CA THR B 117 -3.42 6.59 15.62
C THR B 117 -3.47 5.16 15.11
N LYS B 118 -4.67 4.66 14.84
CA LYS B 118 -4.85 3.31 14.36
C LYS B 118 -4.95 3.32 12.88
N CYS B 119 -4.20 2.40 12.27
CA CYS B 119 -4.08 2.30 10.81
C CYS B 119 -4.23 0.88 10.34
N GLU B 120 -4.60 0.69 9.09
CA GLU B 120 -4.82 -0.62 8.53
C GLU B 120 -3.83 -0.87 7.41
N ILE B 121 -3.21 -2.04 7.39
CA ILE B 121 -2.46 -2.52 6.19
C ILE B 121 -3.30 -3.63 5.54
N ALA B 122 -3.11 -3.85 4.24
CA ALA B 122 -3.86 -4.81 3.49
C ALA B 122 -3.03 -5.32 2.33
N GLY B 123 -3.25 -6.57 1.95
CA GLY B 123 -2.61 -7.12 0.80
C GLY B 123 -2.83 -8.60 0.63
N TRP B 124 -2.42 -9.07 -0.54
CA TRP B 124 -2.53 -10.47 -0.92
C TRP B 124 -1.19 -11.22 -0.83
N GLY B 125 -0.24 -10.67 -0.09
CA GLY B 125 1.09 -11.25 0.03
C GLY B 125 1.16 -12.45 0.95
N GLU B 126 2.37 -12.92 1.19
CA GLU B 126 2.64 -14.07 2.05
C GLU B 126 2.04 -13.90 3.45
N THR B 127 1.52 -14.99 3.98
CA THR B 127 1.09 -15.06 5.39
C THR B 127 2.01 -15.86 6.33
N LYS B 128 3.11 -16.40 5.79
CA LYS B 128 4.06 -17.22 6.57
C LYS B 128 3.34 -18.21 7.52
N GLY B 129 2.44 -18.99 6.95
CA GLY B 129 1.67 -19.96 7.71
C GLY B 129 0.66 -19.42 8.71
N THR B 130 0.19 -18.18 8.55
CA THR B 130 -0.78 -17.60 9.50
C THR B 130 -2.16 -17.39 8.93
N GLY B 131 -2.35 -17.79 7.67
CA GLY B 131 -3.64 -17.62 7.01
C GLY B 131 -3.63 -18.01 5.54
N ASN B 132 -4.81 -18.01 4.92
CA ASN B 132 -4.97 -18.19 3.48
C ASN B 132 -4.30 -17.04 2.71
N ASP B 133 -3.25 -17.37 1.96
CA ASP B 133 -2.45 -16.38 1.22
C ASP B 133 -2.94 -16.05 -0.19
N THR B 134 -4.15 -16.49 -0.50
CA THR B 134 -4.88 -16.20 -1.73
C THR B 134 -6.15 -15.35 -1.55
N VAL B 135 -6.35 -14.70 -0.39
CA VAL B 135 -7.40 -13.69 -0.22
C VAL B 135 -6.79 -12.39 0.34
N LEU B 136 -7.51 -11.27 0.23
CA LEU B 136 -7.06 -10.02 0.83
C LEU B 136 -7.10 -10.15 2.38
N ASN B 137 -5.95 -9.94 3.01
CA ASN B 137 -5.88 -9.92 4.47
C ASN B 137 -5.56 -8.51 4.93
N VAL B 138 -6.01 -8.17 6.14
CA VAL B 138 -5.85 -6.86 6.72
C VAL B 138 -5.35 -7.06 8.16
N ALA B 139 -4.69 -6.04 8.65
CA ALA B 139 -4.22 -6.01 10.04
C ALA B 139 -4.25 -4.58 10.53
N LEU B 140 -4.46 -4.38 11.82
CA LEU B 140 -4.56 -3.09 12.43
C LEU B 140 -3.24 -2.83 13.16
N LEU B 141 -2.67 -1.69 12.88
CA LEU B 141 -1.40 -1.26 13.50
C LEU B 141 -1.61 0.07 14.26
N ASN B 142 -0.64 0.45 15.07
CA ASN B 142 -0.73 1.64 15.86
C ASN B 142 0.54 2.50 15.59
N VAL B 143 0.35 3.77 15.27
CA VAL B 143 1.46 4.64 14.89
C VAL B 143 2.27 4.95 16.15
N ILE B 144 3.61 4.93 16.01
CA ILE B 144 4.51 5.49 17.02
C ILE B 144 5.33 6.65 16.40
N SER B 145 5.96 7.45 17.26
CA SER B 145 6.75 8.58 16.73
C SER B 145 8.05 8.06 16.11
N ASN B 146 8.61 8.84 15.18
CA ASN B 146 9.90 8.48 14.62
C ASN B 146 10.97 8.43 15.72
N GLN B 147 10.82 9.29 16.72
CA GLN B 147 11.85 9.24 17.84
C GLN B 147 11.81 7.88 18.55
N GLU B 148 10.60 7.40 18.81
CA GLU B 148 10.45 6.13 19.51
C GLU B 148 10.89 4.99 18.63
N CYS B 149 10.57 5.06 17.34
CA CYS B 149 11.00 4.11 16.35
C CYS B 149 12.52 3.99 16.24
N ASN B 150 13.20 5.12 16.37
CA ASN B 150 14.63 5.19 16.18
C ASN B 150 15.45 4.76 17.40
N ILE B 151 14.78 4.32 18.44
CA ILE B 151 15.45 3.61 19.54
C ILE B 151 15.85 2.24 19.00
N LYS B 152 14.88 1.45 18.57
CA LYS B 152 15.23 0.12 18.06
C LYS B 152 15.92 0.15 16.73
N HIS B 153 15.55 1.10 15.89
CA HIS B 153 16.18 1.24 14.60
C HIS B 153 17.47 2.04 14.63
N ARG B 154 17.90 2.43 15.82
CA ARG B 154 19.21 3.10 15.99
C ARG B 154 19.45 4.27 15.04
N GLY B 155 18.46 5.15 14.93
CA GLY B 155 18.52 6.32 14.10
C GLY B 155 18.41 6.14 12.60
N ARG B 156 18.19 4.94 12.09
CA ARG B 156 18.09 4.69 10.62
C ARG B 156 16.81 5.21 9.96
N VAL B 157 15.77 5.46 10.73
CA VAL B 157 14.50 5.89 10.11
C VAL B 157 14.48 7.37 9.79
N ARG B 158 14.20 7.68 8.53
CA ARG B 158 14.36 9.03 8.00
C ARG B 158 13.11 9.85 8.23
N GLU B 159 13.24 11.17 8.08
CA GLU B 159 12.09 12.07 8.13
C GLU B 159 11.05 11.74 7.07
N SER B 160 11.49 11.11 6.00
CA SER B 160 10.63 10.69 4.90
C SER B 160 9.91 9.36 5.18
N GLU B 161 10.10 8.81 6.37
CA GLU B 161 9.51 7.54 6.77
C GLU B 161 8.68 7.71 8.04
N MET B 162 7.78 6.76 8.30
CA MET B 162 6.96 6.72 9.47
C MET B 162 6.94 5.29 10.02
N CYS B 163 6.50 5.10 11.26
CA CYS B 163 6.61 3.81 11.93
C CYS B 163 5.33 3.42 12.65
N THR B 164 5.15 2.12 12.82
CA THR B 164 4.14 1.58 13.68
C THR B 164 4.76 0.72 14.77
N GLU B 165 4.00 0.58 15.83
CA GLU B 165 4.40 -0.12 17.05
C GLU B 165 4.78 -1.55 16.74
N GLY B 166 5.91 -2.01 17.28
CA GLY B 166 6.27 -3.41 17.16
C GLY B 166 5.19 -4.27 17.83
N LEU B 167 4.74 -5.32 17.16
CA LEU B 167 3.71 -6.16 17.73
C LEU B 167 4.33 -7.36 18.42
N LEU B 168 3.72 -7.81 19.51
CA LEU B 168 4.22 -9.03 20.18
C LEU B 168 4.04 -10.28 19.35
N ALA B 169 2.88 -10.38 18.74
CA ALA B 169 2.62 -11.44 17.77
C ALA B 169 3.22 -11.04 16.43
N PRO B 170 3.71 -12.00 15.65
CA PRO B 170 4.24 -11.66 14.31
C PRO B 170 3.09 -11.15 13.42
N VAL B 171 3.15 -9.86 13.10
CA VAL B 171 2.13 -9.21 12.29
C VAL B 171 2.79 -8.17 11.39
N GLY B 172 2.40 -8.16 10.11
CA GLY B 172 2.89 -7.08 9.28
C GLY B 172 2.85 -7.47 7.83
N ALA B 173 3.24 -6.52 6.99
CA ALA B 173 3.19 -6.69 5.53
C ALA B 173 4.55 -7.07 4.96
N CYS B 174 4.62 -8.21 4.28
CA CYS B 174 5.83 -8.81 3.76
C CYS B 174 5.83 -8.88 2.20
N GLU B 175 6.58 -9.83 1.63
CA GLU B 175 6.60 -10.06 0.17
C GLU B 175 5.22 -10.25 -0.48
N GLY B 176 5.03 -9.56 -1.59
CA GLY B 176 3.76 -9.48 -2.29
C GLY B 176 2.77 -8.46 -1.75
N ASP B 177 3.11 -7.82 -0.63
CA ASP B 177 2.29 -6.73 -0.06
C ASP B 177 2.89 -5.35 -0.29
N TYR B 178 4.13 -5.30 -0.73
CA TYR B 178 4.74 -4.00 -1.04
C TYR B 178 3.95 -3.21 -2.04
N GLY B 179 3.85 -1.89 -1.80
CA GLY B 179 3.09 -0.96 -2.62
C GLY B 179 1.69 -0.73 -2.15
N GLY B 180 1.16 -1.60 -1.30
CA GLY B 180 -0.13 -1.36 -0.73
C GLY B 180 -0.13 -0.26 0.34
N PRO B 181 -1.32 0.07 0.79
CA PRO B 181 -1.53 1.20 1.68
C PRO B 181 -1.39 0.89 3.16
N LEU B 182 -0.88 1.90 3.83
CA LEU B 182 -1.06 2.09 5.25
C LEU B 182 -2.13 3.19 5.34
N ALA B 183 -3.35 2.79 5.66
CA ALA B 183 -4.52 3.66 5.71
C ALA B 183 -4.92 3.96 7.13
N CYS B 184 -5.04 5.25 7.46
CA CYS B 184 -5.32 5.73 8.82
C CYS B 184 -6.66 6.45 8.87
N PHE B 185 -7.50 6.07 9.82
CA PHE B 185 -8.80 6.67 9.94
C PHE B 185 -8.75 7.84 10.91
N THR B 186 -8.81 9.04 10.36
CA THR B 186 -8.62 10.26 11.15
C THR B 186 -9.52 11.39 10.65
N HIS B 187 -10.04 12.19 11.57
CA HIS B 187 -10.80 13.39 11.19
C HIS B 187 -11.92 12.96 10.25
N ASN B 188 -12.52 11.80 10.53
CA ASN B 188 -13.69 11.30 9.77
C ASN B 188 -13.41 10.90 8.32
N SER B 189 -12.13 10.62 8.00
CA SER B 189 -11.73 10.10 6.66
C SER B 189 -10.65 9.02 6.80
N TRP B 190 -10.66 8.04 5.89
CA TRP B 190 -9.51 7.16 5.69
C TRP B 190 -8.51 7.92 4.82
N VAL B 191 -7.27 8.03 5.29
CA VAL B 191 -6.23 8.83 4.66
C VAL B 191 -5.00 7.91 4.45
N LEU B 192 -4.40 7.98 3.28
CA LEU B 192 -3.21 7.22 2.89
C LEU B 192 -1.99 7.86 3.49
N GLU B 193 -1.56 7.40 4.69
CA GLU B 193 -0.41 7.98 5.31
C GLU B 193 0.93 7.34 4.97
N GLY B 194 0.88 6.09 4.62
CA GLY B 194 2.09 5.39 4.24
C GLY B 194 1.95 4.44 3.07
N ILE B 195 3.08 4.03 2.50
CA ILE B 195 3.11 2.96 1.51
C ILE B 195 4.01 1.86 2.06
N ILE B 196 3.55 0.62 1.94
CA ILE B 196 4.26 -0.54 2.40
C ILE B 196 5.52 -0.71 1.57
N ILE B 197 6.66 -0.76 2.27
CA ILE B 197 7.96 -0.95 1.63
C ILE B 197 8.71 -2.14 2.26
N PRO B 198 9.69 -2.65 1.55
CA PRO B 198 10.57 -3.66 2.13
C PRO B 198 11.30 -3.12 3.37
N ASN B 199 11.42 -3.95 4.39
CA ASN B 199 12.17 -3.63 5.57
C ASN B 199 13.29 -4.70 5.76
N ARG B 200 14.29 -4.44 6.60
CA ARG B 200 15.35 -5.47 6.86
C ARG B 200 14.75 -6.83 7.31
N VAL B 201 13.82 -6.76 8.26
CA VAL B 201 13.05 -7.93 8.72
C VAL B 201 11.55 -7.62 8.65
N CYS B 202 10.73 -8.60 8.29
CA CYS B 202 9.29 -8.42 8.19
C CYS B 202 8.49 -9.20 9.26
N ALA B 203 7.41 -8.62 9.77
CA ALA B 203 6.54 -9.25 10.77
C ALA B 203 7.35 -9.94 11.89
N ARG B 204 8.29 -9.20 12.43
CA ARG B 204 9.14 -9.70 13.51
C ARG B 204 8.69 -9.15 14.85
N SER B 205 8.49 -10.05 15.81
CA SER B 205 7.97 -9.69 17.10
C SER B 205 8.79 -8.57 17.74
N ARG B 206 8.10 -7.52 18.15
CA ARG B 206 8.59 -6.36 18.91
C ARG B 206 9.43 -5.39 18.11
N TRP B 207 9.48 -5.58 16.81
CA TRP B 207 10.21 -4.70 15.94
C TRP B 207 9.25 -3.75 15.14
N PRO B 208 9.41 -2.44 15.25
CA PRO B 208 8.49 -1.52 14.55
C PRO B 208 8.64 -1.57 13.05
N ALA B 209 7.54 -1.65 12.30
CA ALA B 209 7.60 -1.55 10.85
C ALA B 209 7.82 -0.12 10.40
N VAL B 210 8.47 0.03 9.25
CA VAL B 210 8.76 1.33 8.69
C VAL B 210 8.10 1.43 7.28
N PHE B 211 7.48 2.59 7.02
CA PHE B 211 6.73 2.84 5.79
C PHE B 211 7.27 4.16 5.23
N THR B 212 7.08 4.38 3.91
CA THR B 212 7.38 5.70 3.42
C THR B 212 6.21 6.63 3.75
N ARG B 213 6.53 7.86 4.16
CA ARG B 213 5.55 8.78 4.70
C ARG B 213 5.03 9.61 3.50
N VAL B 214 3.80 9.35 3.12
CA VAL B 214 3.22 9.92 1.88
C VAL B 214 3.11 11.44 1.95
N SER B 215 2.94 12.01 3.15
CA SER B 215 2.75 13.46 3.29
C SER B 215 3.98 14.26 2.87
N VAL B 216 5.13 13.61 2.81
CA VAL B 216 6.36 14.28 2.43
C VAL B 216 6.38 14.56 0.89
N PHE B 217 5.59 13.78 0.17
CA PHE B 217 5.70 13.65 -1.29
C PHE B 217 4.43 14.04 -1.99
N VAL B 218 3.48 14.59 -1.27
CA VAL B 218 2.20 14.93 -1.90
C VAL B 218 2.29 16.05 -2.95
N ASP B 219 3.25 16.95 -2.81
CA ASP B 219 3.44 17.99 -3.84
C ASP B 219 3.77 17.37 -5.22
N TRP B 220 4.70 16.42 -5.22
CA TRP B 220 5.01 15.63 -6.40
C TRP B 220 3.82 14.84 -6.95
N ILE B 221 3.09 14.17 -6.05
CA ILE B 221 1.92 13.38 -6.50
C ILE B 221 0.90 14.25 -7.21
N HIS B 222 0.55 15.38 -6.60
CA HIS B 222 -0.41 16.31 -7.21
C HIS B 222 0.11 16.86 -8.57
N LYS B 223 1.39 17.18 -8.63
CA LYS B 223 1.98 17.71 -9.84
C LYS B 223 1.88 16.71 -10.98
N VAL B 224 2.19 15.46 -10.68
CA VAL B 224 2.18 14.39 -11.66
C VAL B 224 0.76 14.16 -12.17
N MET B 225 -0.21 14.22 -11.26
CA MET B 225 -1.57 13.93 -11.60
C MET B 225 -2.20 15.15 -12.31
#